data_5PGZ
#
_entry.id   5PGZ
#
_cell.length_a   96.600
_cell.length_b   96.600
_cell.length_c   217.400
_cell.angle_alpha   90.000
_cell.angle_beta   90.000
_cell.angle_gamma   90.000
#
_symmetry.space_group_name_H-M   'P 41 2 2'
#
loop_
_entity.id
_entity.type
_entity.pdbx_description
1 polymer 'Corticosteroid 11-beta-dehydrogenase isozyme 1'
2 non-polymer 'NADP NICOTINAMIDE-ADENINE-DINUCLEOTIDE PHOSPHATE'
3 non-polymer 2-[(5R,7S)-6-HYDROXY-2-PHENYLADAMANTAN-2-YL]-1-(3-HYDROXYAZETIDIN-1-YL)ETHAN-1-ONE
4 non-polymer 'SULFATE ION'
5 water water
#
_entity_poly.entity_id   1
_entity_poly.type   'polypeptide(L)'
_entity_poly.pdbx_seq_one_letter_code
;MHHHHHHNEEFRPEMLQGKKVIVTGASKGIGREMAYHLSKMGAHVVLTARSEEGLQKVVSRCLELGAASAHYIAGTMEDM
TFAEQFIVKAGKLMGGLDMLILNHITQTSLSLFHDDIHSVRRVMEVNFLSYVVMSTAALPMLKQSNGSIAVISSLAGKMT
QPMIAPYSASKFALDGFFSTIRTELYITKVNVSITLCVLGLIDTETAMKEISGIINAQASPKEECALEIIKGTALRKSEV
YYDKSPLTPILLGNPGRKIMEFFSLRYYNKDMFVSN
;
_entity_poly.pdbx_strand_id   A,B
#
loop_
_chem_comp.id
_chem_comp.type
_chem_comp.name
_chem_comp.formula
8KG non-polymer 2-[(5R,7S)-6-HYDROXY-2-PHENYLADAMANTAN-2-YL]-1-(3-HYDROXYAZETIDIN-1-YL)ETHAN-1-ONE 'C21 H27 N O3'
NAP non-polymer 'NADP NICOTINAMIDE-ADENINE-DINUCLEOTIDE PHOSPHATE' 'C21 H28 N7 O17 P3'
SO4 non-polymer 'SULFATE ION' 'O4 S -2'
#
# COMPACT_ATOMS: atom_id res chain seq x y z
N GLU A 9 16.04 25.56 -7.31
CA GLU A 9 15.97 26.57 -6.25
C GLU A 9 16.66 26.10 -4.97
N GLU A 10 17.29 27.04 -4.20
CA GLU A 10 17.94 26.74 -2.93
C GLU A 10 17.07 27.27 -1.79
N PHE A 11 16.94 26.46 -0.73
CA PHE A 11 16.15 26.76 0.46
C PHE A 11 16.69 27.94 1.27
N ARG A 12 15.76 28.72 1.85
CA ARG A 12 16.01 29.85 2.76
C ARG A 12 15.01 29.74 3.93
N PRO A 13 15.45 29.71 5.21
CA PRO A 13 14.48 29.61 6.33
C PRO A 13 13.37 30.68 6.38
N GLU A 14 13.52 31.74 5.56
CA GLU A 14 12.56 32.84 5.41
C GLU A 14 11.30 32.35 4.64
N MET A 15 11.43 31.20 3.92
CA MET A 15 10.35 30.54 3.17
C MET A 15 9.25 30.06 4.11
N LEU A 16 9.57 29.92 5.42
CA LEU A 16 8.61 29.46 6.41
C LEU A 16 8.25 30.53 7.45
N GLN A 17 8.78 31.75 7.26
CA GLN A 17 8.45 32.88 8.14
C GLN A 17 6.97 33.23 7.94
N GLY A 18 6.22 33.15 9.04
CA GLY A 18 4.78 33.44 9.12
C GLY A 18 3.85 32.42 8.48
N LYS A 19 4.38 31.27 8.02
CA LYS A 19 3.59 30.23 7.36
C LYS A 19 2.83 29.40 8.38
N LYS A 20 1.57 29.00 8.06
CA LYS A 20 0.69 28.22 8.96
C LYS A 20 0.90 26.72 8.73
N VAL A 21 1.57 26.05 9.68
CA VAL A 21 1.97 24.64 9.56
C VAL A 21 1.39 23.73 10.65
N ILE A 22 0.84 22.57 10.21
CA ILE A 22 0.33 21.48 11.05
C ILE A 22 1.40 20.35 11.07
N VAL A 23 1.63 19.75 12.26
CA VAL A 23 2.56 18.64 12.46
C VAL A 23 1.86 17.54 13.25
N THR A 24 1.77 16.31 12.69
CA THR A 24 1.19 15.18 13.42
C THR A 24 2.32 14.41 14.11
N GLY A 25 1.99 13.71 15.18
CA GLY A 25 2.96 12.98 15.99
C GLY A 25 4.09 13.88 16.48
N ALA A 26 3.72 15.07 16.97
CA ALA A 26 4.64 16.12 17.42
C ALA A 26 5.10 16.04 18.89
N SER A 27 4.53 15.12 19.71
CA SER A 27 4.93 14.99 21.11
C SER A 27 6.38 14.54 21.29
N LYS A 28 6.89 13.69 20.38
CA LYS A 28 8.27 13.14 20.41
C LYS A 28 8.78 12.82 19.00
N GLY A 29 10.01 12.31 18.92
CA GLY A 29 10.66 11.86 17.69
C GLY A 29 10.89 12.93 16.64
N ILE A 30 10.66 12.59 15.35
CA ILE A 30 10.87 13.49 14.20
C ILE A 30 9.84 14.62 14.20
N GLY A 31 8.60 14.29 14.57
CA GLY A 31 7.52 15.27 14.67
C GLY A 31 7.89 16.47 15.53
N ARG A 32 8.45 16.19 16.72
CA ARG A 32 8.93 17.17 17.70
C ARG A 32 10.07 18.01 17.13
N GLU A 33 11.10 17.36 16.53
CA GLU A 33 12.25 18.03 15.91
C GLU A 33 11.82 18.97 14.77
N MET A 34 10.77 18.57 14.03
CA MET A 34 10.18 19.40 12.96
C MET A 34 9.48 20.63 13.55
N ALA A 35 8.75 20.45 14.68
CA ALA A 35 8.05 21.54 15.38
C ALA A 35 9.06 22.62 15.75
N TYR A 36 10.11 22.21 16.50
CA TYR A 36 11.23 23.04 16.93
C TYR A 36 11.86 23.77 15.75
N HIS A 37 12.12 23.08 14.63
CA HIS A 37 12.70 23.69 13.41
C HIS A 37 11.81 24.77 12.82
N LEU A 38 10.50 24.49 12.72
CA LEU A 38 9.51 25.44 12.19
C LEU A 38 9.46 26.67 13.08
N SER A 39 9.51 26.45 14.42
CA SER A 39 9.52 27.50 15.46
C SER A 39 10.65 28.47 15.18
N LYS A 40 11.91 27.99 15.19
CA LYS A 40 13.13 28.76 14.89
C LYS A 40 13.02 29.54 13.56
N MET A 41 12.17 29.07 12.61
CA MET A 41 11.95 29.67 11.29
C MET A 41 10.89 30.77 11.26
N GLY A 42 10.20 30.95 12.40
CA GLY A 42 9.17 31.95 12.63
C GLY A 42 7.81 31.64 12.05
N ALA A 43 7.41 30.38 12.09
CA ALA A 43 6.14 29.91 11.54
C ALA A 43 5.08 29.72 12.62
N HIS A 44 3.80 29.72 12.18
CA HIS A 44 2.65 29.47 13.05
C HIS A 44 2.48 27.96 13.08
N VAL A 45 2.43 27.37 14.28
CA VAL A 45 2.39 25.93 14.37
C VAL A 45 1.21 25.40 15.23
N VAL A 46 0.65 24.26 14.83
CA VAL A 46 -0.41 23.52 15.53
C VAL A 46 0.02 22.06 15.55
N LEU A 47 0.22 21.51 16.75
CA LEU A 47 0.72 20.14 16.98
C LEU A 47 -0.33 19.17 17.50
N THR A 48 -0.11 17.86 17.28
CA THR A 48 -1.02 16.79 17.73
C THR A 48 -0.29 15.49 18.01
N ALA A 49 -0.90 14.68 18.88
CA ALA A 49 -0.52 13.35 19.37
C ALA A 49 -1.59 12.95 20.39
N ARG A 50 -1.41 11.84 21.13
CA ARG A 50 -2.41 11.45 22.14
C ARG A 50 -2.15 12.12 23.48
N SER A 51 -0.85 12.20 23.91
CA SER A 51 -0.43 12.79 25.19
C SER A 51 -0.57 14.31 25.22
N GLU A 52 -1.53 14.80 26.05
CA GLU A 52 -1.80 16.22 26.25
C GLU A 52 -0.56 16.82 26.90
N GLU A 53 -0.04 16.14 27.96
CA GLU A 53 1.15 16.51 28.72
C GLU A 53 2.38 16.69 27.80
N GLY A 54 2.64 15.68 26.97
CA GLY A 54 3.75 15.65 26.03
C GLY A 54 3.73 16.81 25.06
N LEU A 55 2.53 17.12 24.53
CA LEU A 55 2.29 18.21 23.58
C LEU A 55 2.56 19.57 24.21
N GLN A 56 2.05 19.79 25.44
CA GLN A 56 2.24 21.01 26.22
C GLN A 56 3.72 21.38 26.30
N LYS A 57 4.58 20.40 26.70
CA LYS A 57 6.03 20.54 26.84
C LYS A 57 6.74 21.03 25.57
N VAL A 58 6.41 20.43 24.41
CA VAL A 58 7.00 20.84 23.12
C VAL A 58 6.39 22.18 22.68
N VAL A 59 5.07 22.41 22.89
CA VAL A 59 4.41 23.67 22.52
C VAL A 59 5.01 24.88 23.31
N SER A 60 5.56 24.62 24.52
CA SER A 60 6.22 25.61 25.38
C SER A 60 7.58 25.98 24.79
N ARG A 61 8.40 24.96 24.47
CA ARG A 61 9.72 25.15 23.86
C ARG A 61 9.58 25.76 22.45
N CYS A 62 8.43 25.52 21.77
CA CYS A 62 8.12 26.06 20.44
C CYS A 62 8.11 27.59 20.45
N LEU A 63 7.33 28.18 21.35
CA LEU A 63 7.26 29.65 21.47
C LEU A 63 8.62 30.19 21.93
N GLU A 64 9.26 29.51 22.90
CA GLU A 64 10.57 29.79 23.48
C GLU A 64 11.65 29.88 22.39
N LEU A 65 11.49 29.09 21.29
CA LEU A 65 12.39 29.02 20.14
C LEU A 65 12.18 30.11 19.07
N GLY A 66 10.97 30.66 19.00
CA GLY A 66 10.65 31.72 18.05
C GLY A 66 9.40 31.56 17.20
N ALA A 67 8.51 30.61 17.58
CA ALA A 67 7.27 30.32 16.86
C ALA A 67 6.36 31.53 16.83
N ALA A 68 5.84 31.87 15.63
CA ALA A 68 4.91 32.98 15.41
C ALA A 68 3.60 32.81 16.22
N SER A 69 3.24 31.55 16.56
CA SER A 69 2.12 31.09 17.39
C SER A 69 2.23 29.59 17.51
N ALA A 70 1.96 29.04 18.70
CA ALA A 70 2.03 27.60 18.92
C ALA A 70 0.85 27.07 19.72
N HIS A 71 0.10 26.13 19.14
CA HIS A 71 -1.06 25.50 19.77
C HIS A 71 -1.06 23.97 19.61
N TYR A 72 -1.82 23.26 20.45
CA TYR A 72 -1.89 21.81 20.40
C TYR A 72 -3.33 21.28 20.54
N ILE A 73 -3.60 20.10 19.95
CA ILE A 73 -4.88 19.41 20.05
C ILE A 73 -4.57 17.92 20.26
N ALA A 74 -4.78 17.43 21.50
CA ALA A 74 -4.54 16.03 21.83
C ALA A 74 -5.66 15.12 21.27
N GLY A 75 -5.30 13.88 20.94
CA GLY A 75 -6.25 12.91 20.42
C GLY A 75 -5.65 11.77 19.63
N THR A 76 -6.45 10.71 19.41
CA THR A 76 -6.07 9.50 18.67
C THR A 76 -6.50 9.56 17.20
N MET A 77 -5.52 9.37 16.31
CA MET A 77 -5.72 9.34 14.85
C MET A 77 -6.34 8.01 14.43
N GLU A 78 -6.77 7.19 15.41
CA GLU A 78 -7.46 5.92 15.23
C GLU A 78 -8.92 6.26 14.92
N ASP A 79 -9.35 7.45 15.42
CA ASP A 79 -10.67 8.03 15.26
C ASP A 79 -10.66 8.99 14.07
N MET A 80 -11.28 8.57 12.96
CA MET A 80 -11.35 9.33 11.70
C MET A 80 -12.07 10.66 11.82
N THR A 81 -13.04 10.76 12.73
CA THR A 81 -13.80 11.99 12.96
C THR A 81 -12.89 13.04 13.60
N PHE A 82 -12.04 12.61 14.57
CA PHE A 82 -11.05 13.48 15.21
C PHE A 82 -10.10 14.04 14.19
N ALA A 83 -9.58 13.17 13.30
CA ALA A 83 -8.64 13.52 12.23
C ALA A 83 -9.17 14.65 11.34
N GLU A 84 -10.47 14.60 11.00
CA GLU A 84 -11.17 15.59 10.19
C GLU A 84 -11.42 16.88 10.98
N GLN A 85 -11.80 16.73 12.28
CA GLN A 85 -12.09 17.84 13.18
C GLN A 85 -10.84 18.61 13.59
N PHE A 86 -9.72 17.90 13.87
CA PHE A 86 -8.43 18.47 14.23
C PHE A 86 -7.97 19.47 13.15
N ILE A 87 -8.11 19.09 11.87
CA ILE A 87 -7.74 19.88 10.71
C ILE A 87 -8.57 21.17 10.65
N VAL A 88 -9.89 21.07 10.95
CA VAL A 88 -10.74 22.26 10.88
C VAL A 88 -10.43 23.24 12.04
N LYS A 89 -10.31 22.73 13.29
CA LYS A 89 -10.00 23.56 14.47
C LYS A 89 -8.67 24.26 14.28
N ALA A 90 -7.66 23.51 13.78
CA ALA A 90 -6.33 24.03 13.47
C ALA A 90 -6.35 25.09 12.36
N GLY A 91 -7.19 24.88 11.35
CA GLY A 91 -7.35 25.82 10.24
C GLY A 91 -7.91 27.14 10.71
N LYS A 92 -8.88 27.06 11.63
CA LYS A 92 -9.52 28.22 12.26
C LYS A 92 -8.46 28.95 13.09
N LEU A 93 -7.82 28.23 14.02
CA LEU A 93 -6.77 28.71 14.92
C LEU A 93 -5.63 29.48 14.26
N MET A 94 -5.26 29.10 13.03
CA MET A 94 -4.16 29.74 12.30
C MET A 94 -4.66 30.66 11.20
N GLY A 95 -5.97 30.60 10.92
CA GLY A 95 -6.58 31.40 9.87
C GLY A 95 -6.06 30.99 8.52
N GLY A 96 -6.11 29.69 8.28
CA GLY A 96 -5.63 29.06 7.06
C GLY A 96 -4.55 28.03 7.31
N LEU A 97 -4.07 27.41 6.21
CA LEU A 97 -3.04 26.37 6.25
C LEU A 97 -2.15 26.44 5.02
N ASP A 98 -0.82 26.45 5.25
CA ASP A 98 0.22 26.50 4.21
C ASP A 98 0.89 25.14 4.02
N MET A 99 1.24 24.45 5.12
CA MET A 99 1.92 23.17 5.08
C MET A 99 1.30 22.18 6.06
N LEU A 100 1.04 20.95 5.59
CA LEU A 100 0.47 19.88 6.39
C LEU A 100 1.46 18.72 6.47
N ILE A 101 2.04 18.51 7.67
CA ILE A 101 3.00 17.44 7.91
C ILE A 101 2.32 16.23 8.53
N LEU A 102 2.20 15.16 7.74
CA LEU A 102 1.58 13.89 8.12
C LEU A 102 2.71 12.95 8.55
N ASN A 103 2.95 12.88 9.88
CA ASN A 103 4.05 12.17 10.53
C ASN A 103 3.65 10.98 11.44
N HIS A 104 2.59 11.11 12.25
CA HIS A 104 2.16 10.09 13.22
C HIS A 104 2.03 8.67 12.65
N ILE A 105 2.23 7.66 13.52
CA ILE A 105 2.06 6.23 13.24
C ILE A 105 1.62 5.52 14.53
N THR A 106 0.84 4.44 14.40
CA THR A 106 0.46 3.63 15.54
C THR A 106 1.69 2.80 15.93
N GLN A 107 1.74 2.35 17.20
CA GLN A 107 2.85 1.55 17.71
C GLN A 107 3.03 0.30 16.88
N THR A 108 4.29 0.02 16.54
CA THR A 108 4.67 -1.19 15.83
C THR A 108 5.92 -1.76 16.45
N SER A 109 5.87 -3.08 16.70
CA SER A 109 6.97 -3.86 17.22
C SER A 109 7.43 -4.78 16.10
N LEU A 110 8.74 -5.05 16.02
CA LEU A 110 9.30 -5.94 15.02
C LEU A 110 9.12 -7.39 15.41
N SER A 111 8.21 -8.06 14.74
CA SER A 111 7.92 -9.47 14.94
C SER A 111 7.47 -10.07 13.63
N LEU A 112 7.83 -11.34 13.39
CA LEU A 112 7.41 -12.08 12.20
C LEU A 112 5.90 -12.25 12.29
N PHE A 113 5.17 -11.84 11.25
CA PHE A 113 3.71 -11.90 11.20
C PHE A 113 3.15 -13.30 11.41
N HIS A 114 2.33 -13.44 12.47
CA HIS A 114 1.66 -14.70 12.76
C HIS A 114 0.18 -14.53 12.42
N ASP A 115 -0.50 -13.65 13.17
CA ASP A 115 -1.89 -13.27 12.95
C ASP A 115 -2.12 -11.81 13.41
N ASP A 116 -3.29 -11.53 13.98
CA ASP A 116 -3.73 -10.24 14.51
C ASP A 116 -4.16 -9.34 13.40
N ILE A 117 -5.38 -9.64 12.93
CA ILE A 117 -6.12 -8.95 11.88
C ILE A 117 -6.46 -7.54 12.38
N HIS A 118 -6.82 -7.42 13.66
CA HIS A 118 -7.18 -6.15 14.27
C HIS A 118 -5.97 -5.23 14.42
N SER A 119 -4.74 -5.80 14.58
CA SER A 119 -3.51 -5.02 14.61
C SER A 119 -3.24 -4.44 13.23
N VAL A 120 -3.49 -5.24 12.16
CA VAL A 120 -3.32 -4.80 10.77
C VAL A 120 -4.40 -3.77 10.45
N ARG A 121 -5.63 -3.94 11.02
CA ARG A 121 -6.71 -3.00 10.77
C ARG A 121 -6.38 -1.65 11.41
N ARG A 122 -5.77 -1.68 12.62
CA ARG A 122 -5.35 -0.50 13.37
C ARG A 122 -4.28 0.24 12.56
N VAL A 123 -3.25 -0.49 12.14
CA VAL A 123 -2.15 0.03 11.33
C VAL A 123 -2.70 0.83 10.12
N MET A 124 -3.53 0.20 9.26
CA MET A 124 -4.12 0.88 8.08
C MET A 124 -5.03 2.09 8.42
N GLU A 125 -5.69 2.06 9.57
CA GLU A 125 -6.59 3.13 10.01
C GLU A 125 -5.76 4.35 10.44
N VAL A 126 -4.76 4.14 11.32
CA VAL A 126 -3.87 5.17 11.87
C VAL A 126 -2.86 5.66 10.83
N ASN A 127 -1.98 4.76 10.39
CA ASN A 127 -0.90 5.04 9.45
C ASN A 127 -1.35 5.45 8.06
N PHE A 128 -2.49 4.93 7.57
CA PHE A 128 -2.94 5.26 6.22
C PHE A 128 -4.23 6.09 6.14
N LEU A 129 -5.37 5.57 6.62
CA LEU A 129 -6.66 6.25 6.49
C LEU A 129 -6.72 7.65 7.03
N SER A 130 -6.19 7.88 8.27
CA SER A 130 -6.22 9.22 8.89
C SER A 130 -5.55 10.25 7.98
N TYR A 131 -4.46 9.85 7.31
CA TYR A 131 -3.70 10.66 6.35
C TYR A 131 -4.60 11.09 5.19
N VAL A 132 -5.43 10.17 4.65
CA VAL A 132 -6.31 10.53 3.54
C VAL A 132 -7.45 11.45 4.05
N VAL A 133 -8.03 11.15 5.23
CA VAL A 133 -9.08 11.95 5.88
C VAL A 133 -8.54 13.39 6.05
N MET A 134 -7.40 13.54 6.74
CA MET A 134 -6.72 14.80 7.02
C MET A 134 -6.31 15.59 5.79
N SER A 135 -5.81 14.92 4.72
CA SER A 135 -5.41 15.59 3.48
C SER A 135 -6.64 16.08 2.71
N THR A 136 -7.75 15.32 2.78
CA THR A 136 -9.02 15.64 2.13
C THR A 136 -9.62 16.84 2.85
N ALA A 137 -9.58 16.80 4.20
CA ALA A 137 -10.08 17.87 5.06
C ALA A 137 -9.26 19.14 4.92
N ALA A 138 -7.97 19.04 4.54
CA ALA A 138 -7.10 20.22 4.44
C ALA A 138 -6.97 20.82 3.06
N LEU A 139 -7.20 20.02 2.02
CA LEU A 139 -7.03 20.39 0.61
C LEU A 139 -7.64 21.73 0.19
N PRO A 140 -8.82 22.21 0.67
CA PRO A 140 -9.31 23.53 0.22
C PRO A 140 -8.44 24.70 0.69
N MET A 141 -8.04 24.70 1.99
CA MET A 141 -7.16 25.72 2.59
C MET A 141 -5.79 25.75 1.88
N LEU A 142 -5.27 24.55 1.55
CA LEU A 142 -4.01 24.31 0.84
C LEU A 142 -4.14 24.82 -0.59
N LYS A 143 -5.35 24.69 -1.19
CA LYS A 143 -5.65 25.15 -2.56
C LYS A 143 -5.58 26.66 -2.62
N GLN A 144 -6.14 27.34 -1.59
CA GLN A 144 -6.15 28.79 -1.44
C GLN A 144 -4.74 29.34 -1.25
N SER A 145 -3.97 28.74 -0.31
CA SER A 145 -2.59 29.14 0.03
C SER A 145 -1.53 28.64 -0.94
N ASN A 146 -1.92 27.81 -1.94
CA ASN A 146 -1.01 27.18 -2.90
C ASN A 146 0.11 26.45 -2.13
N GLY A 147 -0.31 25.75 -1.07
CA GLY A 147 0.53 25.04 -0.11
C GLY A 147 1.01 23.65 -0.47
N SER A 148 1.49 22.93 0.56
CA SER A 148 2.10 21.61 0.46
C SER A 148 1.64 20.61 1.53
N ILE A 149 1.90 19.31 1.25
CA ILE A 149 1.66 18.18 2.12
C ILE A 149 2.96 17.37 2.22
N ALA A 150 3.40 17.07 3.45
CA ALA A 150 4.56 16.24 3.71
C ALA A 150 4.04 14.91 4.20
N VAL A 151 4.24 13.85 3.42
CA VAL A 151 3.80 12.48 3.77
C VAL A 151 5.04 11.74 4.21
N ILE A 152 5.13 11.44 5.50
CA ILE A 152 6.28 10.74 6.06
C ILE A 152 6.14 9.24 5.86
N SER A 153 7.13 8.67 5.16
CA SER A 153 7.25 7.25 4.83
C SER A 153 8.66 6.78 5.23
N SER A 154 9.03 5.55 4.84
CA SER A 154 10.35 5.01 5.09
C SER A 154 10.85 4.25 3.87
N LEU A 155 12.01 3.58 4.02
CA LEU A 155 12.58 2.75 2.96
C LEU A 155 11.62 1.59 2.79
N ALA A 156 11.07 1.11 3.93
CA ALA A 156 10.08 0.06 4.02
C ALA A 156 8.72 0.38 3.32
N GLY A 157 8.61 1.58 2.75
CA GLY A 157 7.46 2.04 1.97
C GLY A 157 7.80 2.09 0.49
N LYS A 158 9.02 1.66 0.17
CA LYS A 158 9.58 1.58 -1.20
C LYS A 158 10.14 0.21 -1.45
N MET A 159 10.46 -0.53 -0.39
CA MET A 159 11.05 -1.88 -0.42
C MET A 159 10.59 -2.72 0.78
N THR A 160 10.92 -4.02 0.77
CA THR A 160 10.51 -4.98 1.79
C THR A 160 11.66 -5.46 2.70
N GLN A 161 11.31 -5.63 4.00
CA GLN A 161 12.15 -6.09 5.12
C GLN A 161 11.31 -7.04 6.01
N PRO A 162 11.87 -8.07 6.66
CA PRO A 162 11.04 -8.92 7.54
C PRO A 162 10.65 -8.23 8.85
N MET A 163 9.56 -8.73 9.49
CA MET A 163 9.01 -8.34 10.81
C MET A 163 8.19 -7.03 10.85
N ILE A 164 7.94 -6.39 9.68
CA ILE A 164 7.17 -5.14 9.58
C ILE A 164 6.09 -5.17 8.46
N ALA A 165 5.54 -6.37 8.16
CA ALA A 165 4.51 -6.58 7.13
C ALA A 165 3.33 -5.59 7.17
N PRO A 166 2.58 -5.39 8.29
CA PRO A 166 1.47 -4.40 8.24
C PRO A 166 1.97 -2.97 8.08
N TYR A 167 3.12 -2.66 8.70
CA TYR A 167 3.74 -1.35 8.58
C TYR A 167 4.12 -1.03 7.14
N SER A 168 4.84 -1.96 6.44
CA SER A 168 5.20 -1.82 5.02
C SER A 168 3.94 -1.53 4.21
N ALA A 169 2.86 -2.34 4.42
CA ALA A 169 1.58 -2.22 3.72
C ALA A 169 1.04 -0.80 3.79
N SER A 170 0.96 -0.23 5.00
CA SER A 170 0.49 1.15 5.22
C SER A 170 1.33 2.20 4.50
N LYS A 171 2.67 2.05 4.54
CA LYS A 171 3.59 2.98 3.87
C LYS A 171 3.55 2.86 2.33
N PHE A 172 3.30 1.64 1.82
CA PHE A 172 3.16 1.37 0.40
C PHE A 172 1.81 1.95 -0.07
N ALA A 173 0.77 1.80 0.76
CA ALA A 173 -0.57 2.30 0.51
C ALA A 173 -0.55 3.82 0.33
N LEU A 174 0.30 4.54 1.12
CA LEU A 174 0.48 6.00 1.05
C LEU A 174 1.07 6.37 -0.28
N ASP A 175 2.13 5.65 -0.70
CA ASP A 175 2.83 5.87 -1.99
C ASP A 175 1.82 5.84 -3.13
N GLY A 176 1.02 4.77 -3.19
CA GLY A 176 0.00 4.58 -4.21
C GLY A 176 -1.00 5.71 -4.22
N PHE A 177 -1.62 5.99 -3.05
CA PHE A 177 -2.61 7.04 -2.89
C PHE A 177 -2.10 8.44 -3.21
N PHE A 178 -1.06 8.89 -2.51
CA PHE A 178 -0.58 10.26 -2.62
C PHE A 178 0.13 10.57 -3.92
N SER A 179 0.89 9.61 -4.51
CA SER A 179 1.53 9.82 -5.81
C SER A 179 0.46 10.02 -6.89
N THR A 180 -0.71 9.33 -6.74
CA THR A 180 -1.88 9.46 -7.63
C THR A 180 -2.44 10.87 -7.50
N ILE A 181 -2.75 11.30 -6.26
CA ILE A 181 -3.22 12.65 -5.91
C ILE A 181 -2.27 13.68 -6.53
N ARG A 182 -0.94 13.59 -6.25
CA ARG A 182 0.08 14.47 -6.84
C ARG A 182 -0.11 14.66 -8.35
N THR A 183 -0.28 13.55 -9.11
CA THR A 183 -0.48 13.55 -10.57
C THR A 183 -1.79 14.25 -10.94
N GLU A 184 -2.89 13.89 -10.23
CA GLU A 184 -4.23 14.45 -10.40
C GLU A 184 -4.20 15.97 -10.20
N LEU A 185 -3.54 16.44 -9.11
CA LEU A 185 -3.36 17.86 -8.79
C LEU A 185 -2.67 18.59 -9.94
N TYR A 186 -1.57 17.99 -10.44
CA TYR A 186 -0.78 18.51 -11.55
C TYR A 186 -1.59 18.65 -12.83
N ILE A 187 -2.32 17.57 -13.21
CA ILE A 187 -3.11 17.51 -14.44
C ILE A 187 -4.33 18.43 -14.37
N THR A 188 -4.84 18.72 -13.16
CA THR A 188 -5.98 19.63 -13.01
C THR A 188 -5.49 21.06 -12.68
N LYS A 189 -4.20 21.33 -12.94
CA LYS A 189 -3.51 22.61 -12.78
C LYS A 189 -3.68 23.26 -11.37
N VAL A 190 -3.79 22.42 -10.32
CA VAL A 190 -3.90 22.86 -8.93
C VAL A 190 -2.48 22.88 -8.34
N ASN A 191 -2.04 24.06 -7.84
CA ASN A 191 -0.68 24.22 -7.29
C ASN A 191 -0.60 23.88 -5.80
N VAL A 192 -0.83 22.62 -5.48
CA VAL A 192 -0.65 22.10 -4.14
C VAL A 192 0.33 20.97 -4.37
N SER A 193 1.47 20.98 -3.64
CA SER A 193 2.49 19.95 -3.81
C SER A 193 2.41 18.86 -2.74
N ILE A 194 2.80 17.63 -3.13
CA ILE A 194 2.81 16.45 -2.26
C ILE A 194 4.26 15.98 -2.22
N THR A 195 4.87 16.02 -1.02
CA THR A 195 6.24 15.58 -0.79
C THR A 195 6.26 14.28 0.00
N LEU A 196 6.68 13.17 -0.64
CA LEU A 196 6.79 11.86 0.02
C LEU A 196 8.19 11.79 0.58
N CYS A 197 8.30 11.61 1.89
CA CYS A 197 9.59 11.59 2.53
C CYS A 197 9.93 10.15 2.86
N VAL A 198 10.89 9.55 2.10
CA VAL A 198 11.40 8.19 2.27
C VAL A 198 12.59 8.29 3.19
N LEU A 199 12.47 7.74 4.42
CA LEU A 199 13.55 7.84 5.43
C LEU A 199 14.14 6.49 5.82
N GLY A 200 15.40 6.53 6.20
CA GLY A 200 16.10 5.36 6.71
C GLY A 200 16.03 5.36 8.22
N LEU A 201 16.85 4.53 8.90
CA LEU A 201 16.84 4.51 10.36
C LEU A 201 17.26 5.86 10.88
N ILE A 202 16.40 6.39 11.77
CA ILE A 202 16.56 7.69 12.44
C ILE A 202 16.72 7.39 13.94
N ASP A 203 17.64 8.10 14.62
CA ASP A 203 17.99 7.85 16.02
C ASP A 203 16.92 8.27 17.06
N THR A 204 15.61 8.11 16.74
CA THR A 204 14.57 8.41 17.73
C THR A 204 14.53 7.29 18.73
N GLU A 205 14.36 7.63 20.03
CA GLU A 205 14.37 6.70 21.16
C GLU A 205 13.50 5.47 20.90
N THR A 206 12.30 5.73 20.36
CA THR A 206 11.28 4.75 20.02
C THR A 206 11.78 3.66 19.06
N ALA A 207 12.48 4.08 17.96
CA ALA A 207 13.05 3.16 16.97
C ALA A 207 14.13 2.30 17.63
N MET A 208 15.09 2.95 18.31
CA MET A 208 16.21 2.34 19.02
C MET A 208 15.77 1.27 19.99
N LYS A 209 14.68 1.52 20.71
CA LYS A 209 14.07 0.57 21.65
C LYS A 209 13.50 -0.63 20.87
N GLU A 210 12.91 -0.37 19.70
CA GLU A 210 12.24 -1.38 18.88
C GLU A 210 13.16 -2.32 18.09
N ILE A 211 14.37 -1.84 17.68
CA ILE A 211 15.39 -2.58 16.92
C ILE A 211 16.40 -3.26 17.84
N SER A 212 16.34 -2.96 19.15
CA SER A 212 17.25 -3.54 20.14
C SER A 212 17.10 -5.05 20.18
N GLY A 213 18.19 -5.72 19.83
CA GLY A 213 18.26 -7.18 19.78
C GLY A 213 17.76 -7.79 18.49
N ILE A 214 17.59 -6.96 17.42
CA ILE A 214 17.09 -7.38 16.12
C ILE A 214 17.91 -6.78 14.98
N ILE A 215 18.05 -5.45 14.93
CA ILE A 215 18.79 -4.79 13.84
C ILE A 215 20.02 -4.04 14.33
N ASN A 216 21.12 -4.32 13.64
CA ASN A 216 22.50 -3.89 13.80
C ASN A 216 22.76 -2.47 13.29
N ALA A 217 22.02 -2.08 12.21
CA ALA A 217 22.12 -0.83 11.43
C ALA A 217 22.25 0.50 12.22
N GLN A 218 23.09 1.38 11.66
CA GLN A 218 23.41 2.71 12.18
C GLN A 218 22.27 3.70 11.86
N ALA A 219 21.87 4.49 12.88
CA ALA A 219 20.79 5.48 12.70
C ALA A 219 21.32 6.85 12.21
N SER A 220 20.40 7.74 11.84
CA SER A 220 20.73 9.08 11.34
C SER A 220 20.12 10.11 12.30
N PRO A 221 20.73 11.31 12.47
CA PRO A 221 20.18 12.27 13.45
C PRO A 221 18.79 12.80 13.10
N LYS A 222 17.87 12.71 14.10
CA LYS A 222 16.47 13.17 14.03
C LYS A 222 16.34 14.66 13.74
N GLU A 223 17.34 15.48 14.15
CA GLU A 223 17.40 16.92 13.90
C GLU A 223 17.64 17.18 12.42
N GLU A 224 18.69 16.55 11.83
CA GLU A 224 19.01 16.71 10.41
C GLU A 224 17.93 16.11 9.49
N CYS A 225 17.25 15.05 9.96
CA CYS A 225 16.17 14.39 9.24
C CYS A 225 15.00 15.37 9.14
N ALA A 226 14.53 15.86 10.30
CA ALA A 226 13.41 16.80 10.41
C ALA A 226 13.62 18.01 9.52
N LEU A 227 14.82 18.60 9.55
CA LEU A 227 15.14 19.76 8.74
C LEU A 227 15.04 19.42 7.23
N GLU A 228 15.63 18.28 6.81
CA GLU A 228 15.60 17.82 5.42
C GLU A 228 14.17 17.65 4.87
N ILE A 229 13.23 17.18 5.75
CA ILE A 229 11.79 17.01 5.49
C ILE A 229 11.17 18.37 5.21
N ILE A 230 11.38 19.36 6.11
CA ILE A 230 10.86 20.73 5.98
C ILE A 230 11.41 21.35 4.69
N LYS A 231 12.75 21.25 4.50
CA LYS A 231 13.50 21.74 3.33
C LYS A 231 12.88 21.28 2.02
N GLY A 232 12.79 19.96 1.82
CA GLY A 232 12.24 19.34 0.63
C GLY A 232 10.79 19.71 0.34
N THR A 233 9.93 19.66 1.40
CA THR A 233 8.50 19.99 1.31
C THR A 233 8.32 21.43 0.82
N ALA A 234 9.02 22.38 1.47
CA ALA A 234 9.01 23.81 1.11
C ALA A 234 9.54 24.00 -0.33
N LEU A 235 10.64 23.32 -0.68
CA LEU A 235 11.21 23.36 -2.03
C LEU A 235 10.35 22.58 -3.07
N ARG A 236 9.14 22.13 -2.65
CA ARG A 236 8.07 21.46 -3.40
C ARG A 236 8.54 20.22 -4.22
N LYS A 237 9.53 19.46 -3.67
CA LYS A 237 10.07 18.21 -4.24
C LYS A 237 9.02 17.10 -4.11
N SER A 238 8.86 16.29 -5.17
CA SER A 238 7.88 15.21 -5.19
C SER A 238 8.22 14.14 -4.15
N GLU A 239 9.52 13.80 -4.03
CA GLU A 239 10.02 12.79 -3.11
C GLU A 239 11.33 13.25 -2.48
N VAL A 240 11.53 12.93 -1.18
CA VAL A 240 12.72 13.28 -0.40
C VAL A 240 13.30 12.05 0.30
N TYR A 241 14.55 11.68 -0.04
CA TYR A 241 15.24 10.52 0.54
C TYR A 241 16.23 10.96 1.61
N TYR A 242 16.13 10.36 2.81
CA TYR A 242 17.04 10.67 3.91
C TYR A 242 17.50 9.39 4.62
N ASP A 243 18.71 8.91 4.29
CA ASP A 243 19.28 7.69 4.88
C ASP A 243 20.81 7.78 4.99
N LYS A 244 21.40 6.93 5.84
CA LYS A 244 22.85 6.85 6.06
C LYS A 244 23.60 6.60 4.73
N SER A 245 23.08 5.70 3.88
CA SER A 245 23.69 5.36 2.59
C SER A 245 23.39 6.37 1.50
N PRO A 246 24.39 6.73 0.68
CA PRO A 246 24.16 7.72 -0.39
C PRO A 246 23.58 7.09 -1.65
N LEU A 247 23.51 5.75 -1.67
CA LEU A 247 23.01 4.92 -2.78
C LEU A 247 21.54 4.61 -2.68
N THR A 248 20.94 4.87 -1.50
CA THR A 248 19.53 4.64 -1.25
C THR A 248 18.65 5.32 -2.33
N PRO A 249 18.86 6.61 -2.71
CA PRO A 249 18.00 7.18 -3.76
C PRO A 249 18.23 6.56 -5.12
N ILE A 250 19.50 6.24 -5.50
CA ILE A 250 19.77 5.61 -6.81
C ILE A 250 19.07 4.25 -6.91
N LEU A 251 19.20 3.45 -5.83
CA LEU A 251 18.62 2.10 -5.73
C LEU A 251 17.11 2.08 -5.64
N LEU A 252 16.51 2.99 -4.84
CA LEU A 252 15.05 3.04 -4.65
C LEU A 252 14.30 4.04 -5.55
N GLY A 253 15.04 4.84 -6.30
CA GLY A 253 14.55 5.89 -7.19
C GLY A 253 13.46 5.55 -8.18
N ASN A 254 13.52 4.32 -8.75
CA ASN A 254 12.57 3.76 -9.72
C ASN A 254 12.32 4.66 -10.93
N PRO A 255 13.38 4.98 -11.73
CA PRO A 255 13.16 5.81 -12.91
C PRO A 255 12.20 5.18 -13.92
N GLY A 256 12.19 3.85 -13.99
CA GLY A 256 11.33 3.10 -14.89
C GLY A 256 9.86 3.39 -14.63
N ARG A 257 9.49 3.45 -13.34
CA ARG A 257 8.15 3.79 -12.88
C ARG A 257 7.80 5.20 -13.35
N LYS A 258 8.74 6.15 -13.12
CA LYS A 258 8.60 7.56 -13.50
C LYS A 258 8.29 7.67 -15.00
N ILE A 259 9.05 6.92 -15.85
CA ILE A 259 8.87 6.85 -17.31
C ILE A 259 7.46 6.35 -17.63
N MET A 260 7.11 5.18 -17.07
CA MET A 260 5.83 4.49 -17.22
C MET A 260 4.66 5.37 -16.87
N GLU A 261 4.77 6.10 -15.74
CA GLU A 261 3.76 7.01 -15.22
C GLU A 261 3.49 8.18 -16.16
N PHE A 262 4.55 8.67 -16.82
CA PHE A 262 4.50 9.78 -17.74
C PHE A 262 3.70 9.40 -19.03
N PHE A 263 4.08 8.26 -19.64
CA PHE A 263 3.46 7.75 -20.86
C PHE A 263 2.03 7.28 -20.67
N SER A 264 1.64 6.93 -19.44
CA SER A 264 0.28 6.50 -19.08
C SER A 264 -0.70 7.60 -19.45
N LEU A 265 -0.34 8.86 -19.12
CA LEU A 265 -1.15 10.05 -19.43
C LEU A 265 -1.54 10.15 -20.89
N ARG A 266 -0.67 9.67 -21.82
CA ARG A 266 -0.92 9.67 -23.27
C ARG A 266 -2.22 8.95 -23.65
N TYR A 267 -2.58 7.86 -22.94
CA TYR A 267 -3.77 7.08 -23.18
C TYR A 267 -5.08 7.70 -22.61
N TYR A 268 -4.98 8.81 -21.88
CA TYR A 268 -6.13 9.47 -21.27
C TYR A 268 -6.85 10.44 -22.19
N ASN A 269 -8.19 10.50 -22.05
CA ASN A 269 -9.06 11.42 -22.78
C ASN A 269 -8.88 12.76 -22.07
N LYS A 270 -8.22 13.71 -22.75
CA LYS A 270 -7.85 15.03 -22.20
C LYS A 270 -9.02 15.82 -21.62
N ASP A 271 -10.26 15.48 -22.02
CA ASP A 271 -11.50 16.10 -21.53
C ASP A 271 -11.71 15.80 -20.03
N MET A 272 -11.11 14.69 -19.53
CA MET A 272 -11.22 14.23 -18.13
C MET A 272 -10.74 15.22 -17.08
N PHE A 273 -9.80 16.11 -17.44
CA PHE A 273 -9.22 17.04 -16.49
C PHE A 273 -9.30 18.49 -16.92
N GLU B 9 13.57 -24.43 -15.57
CA GLU B 9 12.33 -25.14 -15.23
C GLU B 9 11.19 -24.72 -16.17
N GLU B 10 10.37 -25.70 -16.64
CA GLU B 10 9.23 -25.45 -17.55
C GLU B 10 7.92 -26.09 -17.06
N PHE B 11 6.82 -25.35 -17.26
CA PHE B 11 5.47 -25.74 -16.86
C PHE B 11 4.92 -26.93 -17.63
N ARG B 12 4.17 -27.80 -16.91
CA ARG B 12 3.44 -28.96 -17.44
C ARG B 12 2.05 -28.96 -16.77
N PRO B 13 0.93 -29.01 -17.53
CA PRO B 13 -0.41 -29.02 -16.89
C PRO B 13 -0.68 -30.13 -15.87
N GLU B 14 0.22 -31.14 -15.83
CA GLU B 14 0.21 -32.28 -14.90
C GLU B 14 0.57 -31.81 -13.48
N MET B 15 1.22 -30.62 -13.37
CA MET B 15 1.62 -29.97 -12.10
C MET B 15 0.38 -29.60 -11.27
N LEU B 16 -0.78 -29.52 -11.91
CA LEU B 16 -2.03 -29.16 -11.25
C LEU B 16 -3.05 -30.31 -11.22
N GLN B 17 -2.66 -31.49 -11.71
CA GLN B 17 -3.50 -32.68 -11.69
C GLN B 17 -3.69 -33.11 -10.22
N GLY B 18 -4.95 -33.12 -9.78
CA GLY B 18 -5.39 -33.48 -8.43
C GLY B 18 -5.09 -32.49 -7.32
N LYS B 19 -4.57 -31.30 -7.67
CA LYS B 19 -4.22 -30.26 -6.70
C LYS B 19 -5.47 -29.52 -6.20
N LYS B 20 -5.52 -29.17 -4.89
CA LYS B 20 -6.66 -28.49 -4.25
C LYS B 20 -6.48 -26.97 -4.35
N VAL B 21 -7.27 -26.31 -5.23
CA VAL B 21 -7.15 -24.87 -5.52
C VAL B 21 -8.40 -24.04 -5.21
N ILE B 22 -8.20 -22.90 -4.52
CA ILE B 22 -9.21 -21.89 -4.20
C ILE B 22 -9.03 -20.69 -5.20
N VAL B 23 -10.16 -20.14 -5.71
CA VAL B 23 -10.17 -19.00 -6.62
C VAL B 23 -11.18 -17.98 -6.11
N THR B 24 -10.75 -16.74 -5.83
CA THR B 24 -11.68 -15.68 -5.43
C THR B 24 -12.08 -14.88 -6.66
N GLY B 25 -13.25 -14.25 -6.60
CA GLY B 25 -13.82 -13.52 -7.72
C GLY B 25 -13.94 -14.37 -8.97
N ALA B 26 -14.43 -15.62 -8.80
CA ALA B 26 -14.56 -16.63 -9.83
C ALA B 26 -15.86 -16.61 -10.66
N SER B 27 -16.85 -15.76 -10.30
CA SER B 27 -18.10 -15.69 -11.06
C SER B 27 -17.92 -15.17 -12.48
N LYS B 28 -16.97 -14.24 -12.70
CA LYS B 28 -16.67 -13.64 -14.02
C LYS B 28 -15.19 -13.21 -14.13
N GLY B 29 -14.83 -12.63 -15.26
CA GLY B 29 -13.51 -12.08 -15.54
C GLY B 29 -12.38 -13.09 -15.53
N ILE B 30 -11.21 -12.69 -14.95
CA ILE B 30 -9.99 -13.52 -14.89
C ILE B 30 -10.18 -14.70 -13.94
N GLY B 31 -10.89 -14.47 -12.83
CA GLY B 31 -11.21 -15.50 -11.85
C GLY B 31 -11.85 -16.73 -12.48
N ARG B 32 -12.87 -16.48 -13.32
CA ARG B 32 -13.62 -17.48 -14.09
C ARG B 32 -12.71 -18.24 -15.06
N GLU B 33 -11.92 -17.50 -15.87
CA GLU B 33 -10.98 -18.07 -16.83
C GLU B 33 -9.95 -18.97 -16.16
N MET B 34 -9.53 -18.60 -14.92
CA MET B 34 -8.59 -19.39 -14.11
C MET B 34 -9.27 -20.69 -13.64
N ALA B 35 -10.56 -20.62 -13.23
CA ALA B 35 -11.34 -21.77 -12.78
C ALA B 35 -11.37 -22.81 -13.89
N TYR B 36 -11.84 -22.40 -15.08
CA TYR B 36 -11.90 -23.18 -16.31
C TYR B 36 -10.55 -23.82 -16.63
N HIS B 37 -9.45 -23.05 -16.56
CA HIS B 37 -8.09 -23.56 -16.83
C HIS B 37 -7.67 -24.66 -15.86
N LEU B 38 -7.94 -24.45 -14.55
CA LEU B 38 -7.61 -25.41 -13.50
C LEU B 38 -8.40 -26.70 -13.74
N SER B 39 -9.70 -26.55 -14.12
CA SER B 39 -10.63 -27.65 -14.43
C SER B 39 -10.01 -28.55 -15.49
N LYS B 40 -9.72 -27.99 -16.69
CA LYS B 40 -9.07 -28.67 -17.81
C LYS B 40 -7.76 -29.39 -17.40
N MET B 41 -7.09 -28.92 -16.31
CA MET B 41 -5.83 -29.46 -15.77
C MET B 41 -6.02 -30.63 -14.78
N GLY B 42 -7.29 -30.90 -14.43
CA GLY B 42 -7.71 -31.97 -13.53
C GLY B 42 -7.53 -31.70 -12.05
N ALA B 43 -7.76 -30.45 -11.63
CA ALA B 43 -7.59 -30.03 -10.25
C ALA B 43 -8.92 -29.95 -9.50
N HIS B 44 -8.84 -30.00 -8.15
CA HIS B 44 -9.99 -29.85 -7.26
C HIS B 44 -10.18 -28.35 -7.06
N VAL B 45 -11.38 -27.84 -7.30
CA VAL B 45 -11.58 -26.41 -7.23
C VAL B 45 -12.74 -25.98 -6.30
N VAL B 46 -12.58 -24.84 -5.62
CA VAL B 46 -13.57 -24.21 -4.74
C VAL B 46 -13.58 -22.71 -5.11
N LEU B 47 -14.73 -22.22 -5.59
CA LEU B 47 -14.89 -20.85 -6.08
C LEU B 47 -15.72 -19.96 -5.17
N THR B 48 -15.55 -18.62 -5.28
CA THR B 48 -16.28 -17.63 -4.48
C THR B 48 -16.45 -16.30 -5.22
N ALA B 49 -17.51 -15.57 -4.84
CA ALA B 49 -17.96 -14.25 -5.30
C ALA B 49 -19.25 -13.96 -4.52
N ARG B 50 -19.97 -12.87 -4.84
CA ARG B 50 -21.23 -12.58 -4.13
C ARG B 50 -22.41 -13.31 -4.77
N SER B 51 -22.47 -13.35 -6.13
CA SER B 51 -23.55 -13.99 -6.91
C SER B 51 -23.54 -15.51 -6.83
N GLU B 52 -24.54 -16.09 -6.15
CA GLU B 52 -24.74 -17.53 -6.00
C GLU B 52 -24.99 -18.10 -7.39
N GLU B 53 -25.92 -17.44 -8.13
CA GLU B 53 -26.31 -17.78 -9.51
C GLU B 53 -25.09 -17.85 -10.45
N GLY B 54 -24.28 -16.79 -10.45
CA GLY B 54 -23.08 -16.66 -11.27
C GLY B 54 -22.10 -17.78 -11.03
N LEU B 55 -21.88 -18.11 -9.74
CA LEU B 55 -20.96 -19.17 -9.30
C LEU B 55 -21.41 -20.55 -9.78
N GLN B 56 -22.71 -20.85 -9.63
CA GLN B 56 -23.34 -22.10 -10.06
C GLN B 56 -22.99 -22.40 -11.52
N LYS B 57 -23.22 -21.40 -12.41
CA LYS B 57 -22.97 -21.47 -13.84
C LYS B 57 -21.52 -21.88 -14.20
N VAL B 58 -20.52 -21.23 -13.56
CA VAL B 58 -19.11 -21.54 -13.79
C VAL B 58 -18.75 -22.90 -13.13
N VAL B 59 -19.30 -23.19 -11.93
CA VAL B 59 -19.05 -24.46 -11.23
C VAL B 59 -19.56 -25.68 -12.07
N SER B 60 -20.61 -25.46 -12.91
CA SER B 60 -21.18 -26.47 -13.80
C SER B 60 -20.24 -26.73 -14.96
N ARG B 61 -19.77 -25.65 -15.64
CA ARG B 61 -18.81 -25.73 -16.75
C ARG B 61 -17.47 -26.28 -16.26
N CYS B 62 -17.13 -26.06 -14.97
CA CYS B 62 -15.90 -26.56 -14.34
C CYS B 62 -15.80 -28.09 -14.39
N LEU B 63 -16.85 -28.77 -13.90
CA LEU B 63 -16.88 -30.24 -13.92
C LEU B 63 -16.93 -30.73 -15.36
N GLU B 64 -17.76 -30.06 -16.21
CA GLU B 64 -17.95 -30.31 -17.64
C GLU B 64 -16.61 -30.27 -18.40
N LEU B 65 -15.65 -29.45 -17.91
CA LEU B 65 -14.31 -29.26 -18.49
C LEU B 65 -13.26 -30.30 -18.05
N GLY B 66 -13.46 -30.91 -16.89
CA GLY B 66 -12.57 -31.94 -16.37
C GLY B 66 -12.08 -31.80 -14.93
N ALA B 67 -12.74 -30.92 -14.15
CA ALA B 67 -12.39 -30.66 -12.74
C ALA B 67 -12.53 -31.92 -11.91
N ALA B 68 -11.49 -32.22 -11.11
CA ALA B 68 -11.45 -33.36 -10.19
C ALA B 68 -12.59 -33.32 -9.14
N SER B 69 -13.10 -32.09 -8.84
CA SER B 69 -14.21 -31.73 -7.95
C SER B 69 -14.41 -30.23 -8.04
N ALA B 70 -15.66 -29.76 -8.07
CA ALA B 70 -15.94 -28.33 -8.13
C ALA B 70 -17.07 -27.90 -7.19
N HIS B 71 -16.75 -26.96 -6.28
CA HIS B 71 -17.70 -26.42 -5.31
C HIS B 71 -17.64 -24.89 -5.22
N TYR B 72 -18.70 -24.25 -4.68
CA TYR B 72 -18.77 -22.80 -4.55
C TYR B 72 -19.32 -22.35 -3.19
N ILE B 73 -18.89 -21.17 -2.73
CA ILE B 73 -19.36 -20.55 -1.49
C ILE B 73 -19.59 -19.06 -1.78
N ALA B 74 -20.86 -18.65 -1.88
CA ALA B 74 -21.21 -17.26 -2.16
C ALA B 74 -21.02 -16.39 -0.91
N GLY B 75 -20.69 -15.11 -1.11
CA GLY B 75 -20.50 -14.16 -0.02
C GLY B 75 -19.66 -12.96 -0.36
N THR B 76 -19.72 -11.93 0.53
CA THR B 76 -18.99 -10.67 0.39
C THR B 76 -17.68 -10.67 1.21
N MET B 77 -16.57 -10.38 0.50
CA MET B 77 -15.24 -10.30 1.09
C MET B 77 -15.07 -8.97 1.84
N GLU B 78 -16.18 -8.23 2.02
CA GLU B 78 -16.26 -6.99 2.78
C GLU B 78 -16.34 -7.39 4.25
N ASP B 79 -16.85 -8.62 4.49
CA ASP B 79 -17.01 -9.26 5.80
C ASP B 79 -15.81 -10.16 6.06
N MET B 80 -14.93 -9.72 6.98
CA MET B 80 -13.69 -10.40 7.36
C MET B 80 -13.89 -11.79 7.98
N THR B 81 -15.03 -11.98 8.66
CA THR B 81 -15.38 -13.27 9.29
C THR B 81 -15.67 -14.28 8.19
N PHE B 82 -16.41 -13.86 7.12
CA PHE B 82 -16.71 -14.72 5.97
C PHE B 82 -15.43 -15.17 5.30
N ALA B 83 -14.50 -14.22 5.08
CA ALA B 83 -13.20 -14.46 4.44
C ALA B 83 -12.42 -15.58 5.13
N GLU B 84 -12.38 -15.58 6.47
CA GLU B 84 -11.69 -16.64 7.19
C GLU B 84 -12.51 -17.95 7.17
N GLN B 85 -13.85 -17.84 7.35
CA GLN B 85 -14.74 -19.01 7.35
C GLN B 85 -14.76 -19.74 6.01
N PHE B 86 -14.76 -18.98 4.89
CA PHE B 86 -14.74 -19.50 3.52
C PHE B 86 -13.53 -20.41 3.34
N ILE B 87 -12.36 -19.97 3.82
CA ILE B 87 -11.11 -20.70 3.75
C ILE B 87 -11.18 -22.02 4.52
N VAL B 88 -11.82 -22.02 5.71
CA VAL B 88 -11.90 -23.24 6.51
C VAL B 88 -12.87 -24.25 5.87
N LYS B 89 -14.08 -23.81 5.43
CA LYS B 89 -15.08 -24.67 4.79
C LYS B 89 -14.49 -25.29 3.54
N ALA B 90 -13.80 -24.47 2.71
CA ALA B 90 -13.11 -24.89 1.49
C ALA B 90 -11.99 -25.89 1.76
N GLY B 91 -11.25 -25.68 2.85
CA GLY B 91 -10.17 -26.57 3.25
C GLY B 91 -10.69 -27.95 3.62
N LYS B 92 -11.83 -27.97 4.33
CA LYS B 92 -12.52 -29.19 4.72
C LYS B 92 -13.00 -29.90 3.45
N LEU B 93 -13.77 -29.19 2.61
CA LEU B 93 -14.33 -29.66 1.34
C LEU B 93 -13.34 -30.32 0.39
N MET B 94 -12.09 -29.87 0.38
CA MET B 94 -11.06 -30.40 -0.50
C MET B 94 -10.07 -31.30 0.23
N GLY B 95 -10.16 -31.31 1.56
CA GLY B 95 -9.26 -32.09 2.41
C GLY B 95 -7.85 -31.58 2.29
N GLY B 96 -7.71 -30.27 2.44
CA GLY B 96 -6.44 -29.56 2.31
C GLY B 96 -6.47 -28.50 1.24
N LEU B 97 -5.32 -27.79 1.08
CA LEU B 97 -5.16 -26.71 0.12
C LEU B 97 -3.74 -26.67 -0.41
N ASP B 98 -3.61 -26.62 -1.75
CA ASP B 98 -2.34 -26.56 -2.48
C ASP B 98 -2.06 -25.15 -3.03
N MET B 99 -3.09 -24.50 -3.63
CA MET B 99 -2.96 -23.18 -4.24
C MET B 99 -4.12 -22.27 -3.87
N LEU B 100 -3.81 -21.03 -3.44
CA LEU B 100 -4.80 -20.04 -3.05
C LEU B 100 -4.69 -18.83 -3.97
N ILE B 101 -5.70 -18.66 -4.84
CA ILE B 101 -5.75 -17.55 -5.78
C ILE B 101 -6.61 -16.40 -5.24
N LEU B 102 -5.95 -15.30 -4.89
CA LEU B 102 -6.56 -14.09 -4.35
C LEU B 102 -6.74 -13.11 -5.51
N ASN B 103 -7.95 -13.09 -6.08
CA ASN B 103 -8.34 -12.35 -7.29
C ASN B 103 -9.39 -11.24 -7.10
N HIS B 104 -10.43 -11.49 -6.31
CA HIS B 104 -11.55 -10.54 -6.10
C HIS B 104 -11.12 -9.08 -5.77
N ILE B 105 -11.97 -8.12 -6.16
CA ILE B 105 -11.83 -6.68 -5.87
C ILE B 105 -13.23 -6.07 -5.76
N THR B 106 -13.38 -5.01 -4.94
CA THR B 106 -14.63 -4.29 -4.84
C THR B 106 -14.73 -3.40 -6.09
N GLN B 107 -15.96 -3.02 -6.46
CA GLN B 107 -16.22 -2.17 -7.63
C GLN B 107 -15.44 -0.87 -7.54
N THR B 108 -14.80 -0.51 -8.64
CA THR B 108 -14.09 0.76 -8.77
C THR B 108 -14.39 1.37 -10.12
N SER B 109 -14.74 2.65 -10.08
CA SER B 109 -15.01 3.48 -11.24
C SER B 109 -13.87 4.49 -11.34
N LEU B 110 -13.46 4.83 -12.57
CA LEU B 110 -12.39 5.79 -12.81
C LEU B 110 -12.89 7.21 -12.68
N SER B 111 -12.52 7.86 -11.58
CA SER B 111 -12.86 9.24 -11.31
C SER B 111 -11.75 9.86 -10.48
N LEU B 112 -11.47 11.15 -10.69
CA LEU B 112 -10.48 11.90 -9.92
C LEU B 112 -10.98 11.99 -8.48
N PHE B 113 -10.12 11.65 -7.51
CA PHE B 113 -10.49 11.59 -6.10
C PHE B 113 -11.03 12.89 -5.49
N HIS B 114 -12.16 12.76 -4.78
CA HIS B 114 -12.76 13.87 -4.07
C HIS B 114 -12.80 13.65 -2.55
N ASP B 115 -13.86 12.99 -2.00
CA ASP B 115 -14.00 12.81 -0.55
C ASP B 115 -14.62 11.47 -0.10
N ASP B 116 -14.76 10.47 -0.99
CA ASP B 116 -15.40 9.22 -0.60
C ASP B 116 -14.51 8.36 0.30
N ILE B 117 -14.47 8.72 1.58
CA ILE B 117 -13.65 8.09 2.63
C ILE B 117 -14.14 6.69 2.95
N HIS B 118 -15.46 6.52 3.15
CA HIS B 118 -16.05 5.21 3.43
C HIS B 118 -15.80 4.24 2.27
N SER B 119 -15.69 4.77 1.01
CA SER B 119 -15.35 4.01 -0.18
C SER B 119 -13.89 3.59 -0.13
N VAL B 120 -13.01 4.42 0.47
CA VAL B 120 -11.59 4.07 0.59
C VAL B 120 -11.45 2.96 1.63
N ARG B 121 -12.17 3.07 2.77
CA ARG B 121 -12.21 2.04 3.80
C ARG B 121 -12.69 0.70 3.19
N ARG B 122 -13.74 0.75 2.32
CA ARG B 122 -14.35 -0.36 1.58
C ARG B 122 -13.33 -1.05 0.64
N VAL B 123 -12.59 -0.23 -0.13
CA VAL B 123 -11.56 -0.68 -1.05
C VAL B 123 -10.45 -1.39 -0.27
N MET B 124 -10.02 -0.80 0.86
CA MET B 124 -8.96 -1.36 1.68
C MET B 124 -9.35 -2.64 2.40
N GLU B 125 -10.63 -2.75 2.79
CA GLU B 125 -11.16 -3.94 3.48
C GLU B 125 -11.27 -5.11 2.47
N VAL B 126 -11.91 -4.87 1.30
CA VAL B 126 -12.13 -5.89 0.25
C VAL B 126 -10.84 -6.26 -0.45
N ASN B 127 -10.24 -5.29 -1.16
CA ASN B 127 -9.03 -5.46 -1.96
C ASN B 127 -7.78 -5.82 -1.16
N PHE B 128 -7.65 -5.35 0.09
CA PHE B 128 -6.44 -5.64 0.86
C PHE B 128 -6.65 -6.52 2.08
N LEU B 129 -7.44 -6.08 3.08
CA LEU B 129 -7.62 -6.82 4.33
C LEU B 129 -8.07 -8.27 4.19
N SER B 130 -9.10 -8.54 3.34
CA SER B 130 -9.62 -9.89 3.15
C SER B 130 -8.53 -10.84 2.71
N TYR B 131 -7.60 -10.36 1.85
CA TYR B 131 -6.44 -11.07 1.34
C TYR B 131 -5.54 -11.49 2.50
N VAL B 132 -5.29 -10.60 3.48
CA VAL B 132 -4.43 -10.94 4.62
C VAL B 132 -5.15 -11.95 5.54
N VAL B 133 -6.46 -11.73 5.80
CA VAL B 133 -7.31 -12.62 6.61
C VAL B 133 -7.25 -14.04 6.00
N MET B 134 -7.61 -14.16 4.71
CA MET B 134 -7.62 -15.40 3.93
C MET B 134 -6.28 -16.11 3.84
N SER B 135 -5.16 -15.35 3.65
CA SER B 135 -3.82 -15.94 3.57
C SER B 135 -3.36 -16.46 4.94
N THR B 136 -3.78 -15.76 6.02
CA THR B 136 -3.46 -16.12 7.40
C THR B 136 -4.24 -17.39 7.74
N ALA B 137 -5.52 -17.42 7.36
CA ALA B 137 -6.41 -18.55 7.56
C ALA B 137 -5.99 -19.77 6.76
N ALA B 138 -5.29 -19.59 5.62
CA ALA B 138 -4.88 -20.69 4.75
C ALA B 138 -3.49 -21.23 4.97
N LEU B 139 -2.59 -20.40 5.51
CA LEU B 139 -1.18 -20.69 5.70
C LEU B 139 -0.84 -22.04 6.34
N PRO B 140 -1.58 -22.59 7.34
CA PRO B 140 -1.20 -23.92 7.87
C PRO B 140 -1.35 -25.06 6.87
N MET B 141 -2.50 -25.09 6.13
CA MET B 141 -2.78 -26.09 5.08
C MET B 141 -1.73 -26.01 3.94
N LEU B 142 -1.36 -24.76 3.59
CA LEU B 142 -0.35 -24.43 2.57
C LEU B 142 1.03 -24.88 3.06
N LYS B 143 1.27 -24.78 4.39
CA LYS B 143 2.54 -25.19 5.01
C LYS B 143 2.71 -26.70 4.90
N GLN B 144 1.61 -27.45 5.15
CA GLN B 144 1.56 -28.91 5.07
C GLN B 144 1.78 -29.39 3.64
N SER B 145 1.04 -28.81 2.67
CA SER B 145 1.10 -29.14 1.24
C SER B 145 2.28 -28.54 0.50
N ASN B 146 3.09 -27.67 1.17
CA ASN B 146 4.21 -26.95 0.55
C ASN B 146 3.72 -26.21 -0.71
N GLY B 147 2.55 -25.59 -0.56
CA GLY B 147 1.80 -24.90 -1.59
C GLY B 147 2.18 -23.46 -1.90
N SER B 148 1.28 -22.75 -2.62
CA SER B 148 1.44 -21.38 -3.12
C SER B 148 0.23 -20.48 -2.92
N ILE B 149 0.48 -19.17 -3.04
CA ILE B 149 -0.49 -18.07 -3.00
C ILE B 149 -0.30 -17.19 -4.25
N ALA B 150 -1.38 -16.93 -4.98
CA ALA B 150 -1.39 -16.06 -6.15
C ALA B 150 -2.09 -14.78 -5.72
N VAL B 151 -1.34 -13.67 -5.67
CA VAL B 151 -1.89 -12.36 -5.27
C VAL B 151 -2.02 -11.56 -6.56
N ILE B 152 -3.26 -11.32 -6.97
CA ILE B 152 -3.54 -10.59 -8.20
C ILE B 152 -3.48 -9.09 -7.96
N SER B 153 -2.58 -8.44 -8.70
CA SER B 153 -2.32 -7.00 -8.67
C SER B 153 -2.36 -6.47 -10.11
N SER B 154 -1.95 -5.19 -10.32
CA SER B 154 -1.88 -4.60 -11.64
C SER B 154 -0.63 -3.76 -11.76
N LEU B 155 -0.51 -3.03 -12.90
CA LEU B 155 0.61 -2.12 -13.13
C LEU B 155 0.46 -1.00 -12.13
N ALA B 156 -0.81 -0.62 -11.88
CA ALA B 156 -1.23 0.37 -10.89
C ALA B 156 -0.88 0.01 -9.41
N GLY B 157 -0.31 -1.17 -9.20
CA GLY B 157 0.17 -1.64 -7.91
C GLY B 157 1.69 -1.60 -7.85
N LYS B 158 2.30 -1.09 -8.93
CA LYS B 158 3.74 -0.92 -9.09
C LYS B 158 4.08 0.49 -9.50
N MET B 159 3.09 1.20 -10.09
CA MET B 159 3.19 2.57 -10.60
C MET B 159 1.86 3.32 -10.45
N THR B 160 1.87 4.64 -10.70
CA THR B 160 0.73 5.51 -10.51
C THR B 160 0.11 6.02 -11.84
N GLN B 161 -1.23 6.12 -11.84
CA GLN B 161 -2.12 6.58 -12.92
C GLN B 161 -3.24 7.43 -12.29
N PRO B 162 -3.78 8.48 -12.95
CA PRO B 162 -4.90 9.22 -12.32
C PRO B 162 -6.22 8.46 -12.34
N MET B 163 -7.15 8.85 -11.45
CA MET B 163 -8.53 8.35 -11.30
C MET B 163 -8.72 6.99 -10.58
N ILE B 164 -7.62 6.40 -10.07
CA ILE B 164 -7.64 5.12 -9.36
C ILE B 164 -6.87 5.15 -8.02
N ALA B 165 -6.80 6.32 -7.34
CA ALA B 165 -6.10 6.52 -6.07
C ALA B 165 -6.39 5.46 -4.99
N PRO B 166 -7.66 5.16 -4.57
CA PRO B 166 -7.85 4.12 -3.54
C PRO B 166 -7.46 2.73 -4.04
N TYR B 167 -7.72 2.46 -5.32
CA TYR B 167 -7.37 1.19 -5.95
C TYR B 167 -5.85 0.98 -5.93
N SER B 168 -5.06 1.97 -6.40
CA SER B 168 -3.58 1.92 -6.39
C SER B 168 -3.11 1.61 -4.96
N ALA B 169 -3.64 2.34 -3.94
CA ALA B 169 -3.31 2.19 -2.53
C ALA B 169 -3.42 0.75 -2.08
N SER B 170 -4.57 0.11 -2.34
CA SER B 170 -4.83 -1.29 -1.98
C SER B 170 -3.83 -2.26 -2.65
N LYS B 171 -3.54 -2.05 -3.96
CA LYS B 171 -2.60 -2.88 -4.72
C LYS B 171 -1.13 -2.69 -4.27
N PHE B 172 -0.78 -1.46 -3.84
CA PHE B 172 0.55 -1.14 -3.31
C PHE B 172 0.68 -1.76 -1.92
N ALA B 173 -0.41 -1.71 -1.13
CA ALA B 173 -0.48 -2.29 0.21
C ALA B 173 -0.21 -3.79 0.18
N LEU B 174 -0.71 -4.49 -0.87
CA LEU B 174 -0.50 -5.93 -1.09
C LEU B 174 0.95 -6.21 -1.32
N ASP B 175 1.60 -5.42 -2.20
CA ASP B 175 3.02 -5.53 -2.55
C ASP B 175 3.87 -5.51 -1.28
N GLY B 176 3.65 -4.49 -0.44
CA GLY B 176 4.34 -4.33 0.83
C GLY B 176 4.15 -5.51 1.76
N PHE B 177 2.89 -5.86 2.02
CA PHE B 177 2.53 -6.96 2.90
C PHE B 177 3.05 -8.33 2.44
N PHE B 178 2.69 -8.74 1.21
CA PHE B 178 3.00 -10.07 0.71
C PHE B 178 4.46 -10.29 0.38
N SER B 179 5.17 -9.27 -0.15
CA SER B 179 6.60 -9.38 -0.43
C SER B 179 7.38 -9.58 0.89
N THR B 180 6.88 -8.98 1.99
CA THR B 180 7.45 -9.13 3.35
C THR B 180 7.25 -10.59 3.78
N ILE B 181 5.99 -11.10 3.73
CA ILE B 181 5.61 -12.47 4.03
C ILE B 181 6.53 -13.42 3.24
N ARG B 182 6.62 -13.26 1.90
CA ARG B 182 7.50 -14.06 1.04
C ARG B 182 8.92 -14.18 1.63
N THR B 183 9.54 -13.05 2.04
CA THR B 183 10.89 -12.99 2.63
C THR B 183 10.93 -13.75 3.97
N GLU B 184 9.93 -13.51 4.84
CA GLU B 184 9.76 -14.13 6.14
C GLU B 184 9.69 -15.65 5.99
N LEU B 185 8.84 -16.13 5.05
CA LEU B 185 8.68 -17.56 4.73
C LEU B 185 10.02 -18.19 4.33
N TYR B 186 10.75 -17.50 3.43
CA TYR B 186 12.05 -17.89 2.92
C TYR B 186 13.09 -18.02 4.03
N ILE B 187 13.19 -16.98 4.90
CA ILE B 187 14.18 -16.91 5.97
C ILE B 187 13.87 -17.91 7.09
N THR B 188 12.58 -18.27 7.27
CA THR B 188 12.16 -19.29 8.24
C THR B 188 12.06 -20.69 7.60
N LYS B 189 12.72 -20.86 6.44
CA LYS B 189 12.83 -22.09 5.65
C LYS B 189 11.46 -22.82 5.43
N VAL B 190 10.36 -22.05 5.33
CA VAL B 190 9.00 -22.55 5.07
C VAL B 190 8.79 -22.51 3.55
N ASN B 191 8.50 -23.68 2.93
CA ASN B 191 8.34 -23.78 1.48
C ASN B 191 6.90 -23.52 1.03
N VAL B 192 6.46 -22.28 1.22
CA VAL B 192 5.18 -21.81 0.72
C VAL B 192 5.59 -20.63 -0.13
N SER B 193 5.19 -20.61 -1.42
CA SER B 193 5.55 -19.53 -2.32
C SER B 193 4.44 -18.49 -2.48
N ILE B 194 4.83 -17.22 -2.70
CA ILE B 194 3.93 -16.07 -2.90
C ILE B 194 4.24 -15.54 -4.27
N THR B 195 3.24 -15.60 -5.17
CA THR B 195 3.36 -15.10 -6.54
C THR B 195 2.51 -13.83 -6.71
N LEU B 196 3.18 -12.67 -6.90
CA LEU B 196 2.49 -11.40 -7.13
C LEU B 196 2.30 -11.28 -8.62
N CYS B 197 1.07 -11.16 -9.06
CA CYS B 197 0.78 -11.09 -10.47
C CYS B 197 0.46 -9.65 -10.84
N VAL B 198 1.40 -8.97 -11.53
CA VAL B 198 1.29 -7.58 -12.01
C VAL B 198 0.72 -7.68 -13.42
N LEU B 199 -0.51 -7.18 -13.63
CA LEU B 199 -1.18 -7.26 -14.93
C LEU B 199 -1.49 -5.90 -15.54
N GLY B 200 -1.50 -5.87 -16.88
CA GLY B 200 -1.90 -4.70 -17.68
C GLY B 200 -3.38 -4.79 -18.00
N LEU B 201 -3.90 -3.95 -18.93
CA LEU B 201 -5.33 -3.95 -19.33
C LEU B 201 -5.78 -5.29 -19.94
N ILE B 202 -6.81 -5.90 -19.31
CA ILE B 202 -7.35 -7.22 -19.65
C ILE B 202 -8.79 -7.10 -20.23
N ASP B 203 -9.06 -7.95 -21.24
CA ASP B 203 -10.27 -8.12 -22.06
C ASP B 203 -11.58 -8.33 -21.29
N THR B 204 -11.59 -8.19 -19.96
CA THR B 204 -12.80 -8.39 -19.16
C THR B 204 -13.82 -7.33 -19.49
N GLU B 205 -15.08 -7.75 -19.55
CA GLU B 205 -16.19 -6.86 -19.84
C GLU B 205 -16.24 -5.67 -18.88
N THR B 206 -16.01 -5.96 -17.59
CA THR B 206 -16.02 -5.03 -16.46
C THR B 206 -15.04 -3.87 -16.65
N ALA B 207 -13.77 -4.20 -17.04
CA ALA B 207 -12.71 -3.23 -17.32
C ALA B 207 -13.12 -2.38 -18.51
N MET B 208 -13.52 -3.05 -19.62
CA MET B 208 -13.95 -2.43 -20.88
C MET B 208 -15.03 -1.37 -20.68
N LYS B 209 -16.01 -1.66 -19.82
CA LYS B 209 -17.11 -0.80 -19.44
C LYS B 209 -16.59 0.41 -18.64
N GLU B 210 -15.62 0.19 -17.75
CA GLU B 210 -15.08 1.20 -16.84
C GLU B 210 -14.13 2.23 -17.49
N ILE B 211 -13.45 1.84 -18.57
CA ILE B 211 -12.52 2.73 -19.30
C ILE B 211 -13.20 3.48 -20.41
N SER B 212 -14.42 3.05 -20.80
CA SER B 212 -15.17 3.64 -21.90
C SER B 212 -15.32 5.14 -21.71
N GLY B 213 -14.71 5.88 -22.63
CA GLY B 213 -14.69 7.33 -22.67
C GLY B 213 -13.66 7.99 -21.79
N ILE B 214 -12.65 7.21 -21.34
CA ILE B 214 -11.54 7.66 -20.49
C ILE B 214 -10.19 7.18 -21.02
N ILE B 215 -10.02 5.85 -21.20
CA ILE B 215 -8.76 5.29 -21.68
C ILE B 215 -8.93 4.55 -23.00
N ASN B 216 -8.12 4.95 -23.98
CA ASN B 216 -8.05 4.27 -25.25
C ASN B 216 -6.69 3.59 -25.33
N ALA B 217 -6.66 2.32 -24.91
CA ALA B 217 -5.47 1.49 -24.91
C ALA B 217 -5.93 0.09 -25.30
N GLN B 218 -5.01 -0.78 -25.77
CA GLN B 218 -5.35 -2.13 -26.20
C GLN B 218 -5.33 -3.13 -25.04
N ALA B 219 -6.47 -3.84 -24.86
CA ALA B 219 -6.59 -4.87 -23.83
C ALA B 219 -5.94 -6.18 -24.28
N SER B 220 -5.67 -7.08 -23.33
CA SER B 220 -5.06 -8.39 -23.54
C SER B 220 -6.06 -9.53 -23.24
N PRO B 221 -5.94 -10.72 -23.86
CA PRO B 221 -6.93 -11.78 -23.61
C PRO B 221 -6.93 -12.37 -22.20
N LYS B 222 -8.14 -12.38 -21.59
CA LYS B 222 -8.42 -12.88 -20.24
C LYS B 222 -8.02 -14.35 -20.07
N GLU B 223 -8.13 -15.15 -21.15
CA GLU B 223 -7.77 -16.57 -21.20
C GLU B 223 -6.26 -16.74 -21.05
N GLU B 224 -5.46 -16.03 -21.89
CA GLU B 224 -3.99 -16.09 -21.83
C GLU B 224 -3.43 -15.49 -20.52
N CYS B 225 -4.15 -14.50 -19.94
CA CYS B 225 -3.77 -13.87 -18.68
C CYS B 225 -3.92 -14.90 -17.58
N ALA B 226 -5.14 -15.48 -17.45
CA ALA B 226 -5.47 -16.48 -16.44
C ALA B 226 -4.47 -17.63 -16.45
N LEU B 227 -4.15 -18.16 -17.65
CA LEU B 227 -3.21 -19.26 -17.79
C LEU B 227 -1.83 -18.86 -17.29
N GLU B 228 -1.33 -17.65 -17.70
CA GLU B 228 -0.03 -17.12 -17.27
C GLU B 228 0.11 -17.00 -15.75
N ILE B 229 -1.01 -16.63 -15.06
CA ILE B 229 -1.15 -16.52 -13.60
C ILE B 229 -0.95 -17.90 -12.97
N ILE B 230 -1.72 -18.92 -13.45
CA ILE B 230 -1.63 -20.32 -12.98
C ILE B 230 -0.21 -20.85 -13.21
N LYS B 231 0.33 -20.66 -14.44
CA LYS B 231 1.68 -21.05 -14.88
C LYS B 231 2.76 -20.56 -13.91
N GLY B 232 2.83 -19.23 -13.73
CA GLY B 232 3.79 -18.58 -12.84
C GLY B 232 3.70 -19.01 -11.38
N THR B 233 2.46 -19.08 -10.84
CA THR B 233 2.19 -19.47 -9.45
C THR B 233 2.69 -20.90 -9.21
N ALA B 234 2.31 -21.83 -10.10
CA ALA B 234 2.74 -23.23 -10.05
C ALA B 234 4.28 -23.34 -10.18
N LEU B 235 4.88 -22.55 -11.10
CA LEU B 235 6.34 -22.55 -11.29
C LEU B 235 7.06 -21.84 -10.12
N ARG B 236 6.28 -21.38 -9.11
CA ARG B 236 6.70 -20.76 -7.86
C ARG B 236 7.56 -19.46 -8.07
N LYS B 237 7.23 -18.69 -9.13
CA LYS B 237 7.88 -17.41 -9.44
C LYS B 237 7.40 -16.37 -8.42
N SER B 238 8.31 -15.49 -7.94
CA SER B 238 8.00 -14.44 -6.96
C SER B 238 7.02 -13.40 -7.52
N GLU B 239 7.22 -12.99 -8.77
CA GLU B 239 6.40 -11.99 -9.45
C GLU B 239 6.17 -12.39 -10.90
N VAL B 240 4.95 -12.13 -11.42
CA VAL B 240 4.53 -12.46 -12.79
C VAL B 240 3.93 -11.23 -13.47
N TYR B 241 4.58 -10.77 -14.57
CA TYR B 241 4.13 -9.61 -15.33
C TYR B 241 3.39 -10.05 -16.59
N TYR B 242 2.17 -9.53 -16.79
CA TYR B 242 1.36 -9.83 -17.99
C TYR B 242 0.74 -8.55 -18.59
N ASP B 243 1.37 -8.00 -19.65
CA ASP B 243 0.99 -6.75 -20.33
C ASP B 243 1.44 -6.75 -21.80
N LYS B 244 0.75 -5.97 -22.67
CA LYS B 244 1.04 -5.86 -24.11
C LYS B 244 2.54 -5.51 -24.44
N SER B 245 3.12 -4.54 -23.69
CA SER B 245 4.51 -4.13 -23.88
C SER B 245 5.51 -5.13 -23.27
N PRO B 246 6.61 -5.41 -23.97
CA PRO B 246 7.60 -6.36 -23.45
C PRO B 246 8.60 -5.71 -22.49
N LEU B 247 8.53 -4.36 -22.38
CA LEU B 247 9.38 -3.51 -21.56
C LEU B 247 8.80 -3.26 -20.19
N THR B 248 7.52 -3.59 -19.98
CA THR B 248 6.83 -3.42 -18.70
C THR B 248 7.61 -4.09 -17.56
N PRO B 249 8.11 -5.35 -17.68
CA PRO B 249 8.89 -5.93 -16.57
C PRO B 249 10.23 -5.25 -16.37
N ILE B 250 10.95 -4.84 -17.43
CA ILE B 250 12.25 -4.14 -17.27
C ILE B 250 12.06 -2.79 -16.56
N LEU B 251 11.01 -2.05 -16.96
CA LEU B 251 10.66 -0.74 -16.42
C LEU B 251 10.12 -0.79 -15.02
N LEU B 252 9.24 -1.77 -14.70
CA LEU B 252 8.64 -1.90 -13.37
C LEU B 252 9.35 -2.90 -12.42
N GLY B 253 10.31 -3.62 -12.95
CA GLY B 253 11.09 -4.66 -12.25
C GLY B 253 11.76 -4.30 -10.96
N ASN B 254 12.25 -3.05 -10.85
CA ASN B 254 12.92 -2.44 -9.70
C ASN B 254 14.10 -3.28 -9.20
N PRO B 255 15.15 -3.46 -10.02
CA PRO B 255 16.32 -4.22 -9.55
C PRO B 255 16.98 -3.60 -8.31
N GLY B 256 16.94 -2.28 -8.21
CA GLY B 256 17.51 -1.54 -7.09
C GLY B 256 16.89 -1.94 -5.78
N ARG B 257 15.56 -2.11 -5.78
CA ARG B 257 14.79 -2.59 -4.62
C ARG B 257 15.27 -3.99 -4.25
N LYS B 258 15.39 -4.89 -5.25
CA LYS B 258 15.85 -6.28 -5.10
C LYS B 258 17.21 -6.29 -4.40
N ILE B 259 18.15 -5.42 -4.85
CA ILE B 259 19.50 -5.25 -4.28
C ILE B 259 19.38 -4.84 -2.80
N MET B 260 18.64 -3.77 -2.56
CA MET B 260 18.37 -3.18 -1.25
C MET B 260 17.79 -4.18 -0.28
N GLU B 261 16.81 -4.97 -0.74
CA GLU B 261 16.12 -5.98 0.03
C GLU B 261 17.03 -7.09 0.51
N PHE B 262 17.99 -7.49 -0.36
CA PHE B 262 18.96 -8.53 -0.03
C PHE B 262 19.88 -8.05 1.10
N PHE B 263 20.53 -6.90 0.92
CA PHE B 263 21.47 -6.34 1.88
C PHE B 263 20.85 -5.98 3.24
N SER B 264 19.54 -5.73 3.27
CA SER B 264 18.79 -5.41 4.49
C SER B 264 18.94 -6.55 5.47
N LEU B 265 18.79 -7.81 4.97
CA LEU B 265 18.93 -9.03 5.76
C LEU B 265 20.23 -9.09 6.53
N ARG B 266 21.34 -8.52 5.99
CA ARG B 266 22.66 -8.48 6.63
C ARG B 266 22.61 -7.88 8.05
N TYR B 267 21.77 -6.84 8.25
CA TYR B 267 21.62 -6.15 9.53
C TYR B 267 20.76 -6.89 10.57
N TYR B 268 20.10 -8.00 10.19
CA TYR B 268 19.24 -8.75 11.09
C TYR B 268 19.95 -9.81 11.93
N ASN B 269 19.40 -10.06 13.15
CA ASN B 269 19.86 -11.11 14.04
C ASN B 269 19.27 -12.39 13.44
N LYS B 270 20.14 -13.26 12.91
CA LYS B 270 19.68 -14.48 12.23
C LYS B 270 18.94 -15.43 13.14
N ASP B 271 19.25 -15.40 14.45
CA ASP B 271 18.62 -16.27 15.44
C ASP B 271 17.13 -15.95 15.61
N MET B 272 16.70 -14.72 15.25
CA MET B 272 15.29 -14.33 15.33
C MET B 272 14.37 -15.22 14.43
N PHE B 273 14.97 -15.90 13.43
CA PHE B 273 14.28 -16.75 12.45
C PHE B 273 14.16 -18.21 12.89
PA NAP C . 7.79 8.20 17.36
O1A NAP C . 8.79 8.74 18.32
O2A NAP C . 7.14 6.88 17.80
O5B NAP C . 6.59 9.23 17.13
C5B NAP C . 5.21 8.86 16.88
C4B NAP C . 4.35 10.05 17.18
O4B NAP C . 2.97 9.77 16.82
C3B NAP C . 4.32 10.47 18.65
O3B NAP C . 4.24 11.89 18.81
C2B NAP C . 3.05 9.80 19.16
O2B NAP C . 2.53 10.44 20.34
C1B NAP C . 2.13 9.90 17.95
N9A NAP C . 1.10 8.88 17.89
C8A NAP C . 1.25 7.54 18.16
N7A NAP C . 0.13 6.86 18.12
C5A NAP C . -0.82 7.81 17.78
C6A NAP C . -2.23 7.73 17.63
N6A NAP C . -2.94 6.62 17.84
N1A NAP C . -2.88 8.86 17.31
C2A NAP C . -2.18 10.00 17.18
N3A NAP C . -0.87 10.19 17.31
C4A NAP C . -0.24 9.06 17.62
O3 NAP C . 8.31 7.98 15.87
PN NAP C . 9.20 8.91 14.92
O1N NAP C . 10.57 8.36 14.91
O2N NAP C . 8.99 10.33 15.30
O5D NAP C . 8.55 8.60 13.50
C5D NAP C . 7.93 9.64 12.71
C4D NAP C . 7.69 9.18 11.29
O4D NAP C . 8.94 8.78 10.67
C3D NAP C . 6.75 7.99 11.10
O3D NAP C . 5.82 8.21 10.05
C2D NAP C . 7.72 6.85 10.78
O2D NAP C . 7.12 5.92 9.89
C1D NAP C . 8.83 7.58 9.96
N1N NAP C . 10.19 6.87 10.05
C2N NAP C . 10.83 6.73 11.29
C3N NAP C . 12.05 6.10 11.40
C7N NAP C . 12.82 6.01 12.69
O7N NAP C . 13.90 5.39 12.72
N7N NAP C . 12.31 6.59 13.78
C4N NAP C . 12.64 5.59 10.24
C5N NAP C . 12.01 5.75 9.01
C6N NAP C . 10.79 6.40 8.93
P2B NAP C . 1.58 9.71 21.39
O1X NAP C . 0.26 9.57 20.79
O2X NAP C . 2.23 8.35 21.77
O3X NAP C . 1.61 10.63 22.61
HOA2 NAP C . 6.57 6.23 17.32
H51A NAP C . 5.18 8.64 15.81
H52A NAP C . 4.90 7.98 17.43
H4B NAP C . 4.63 10.87 16.51
H3B NAP C . 5.20 10.10 19.16
HO3A NAP C . 5.15 12.24 18.68
H2B NAP C . 3.32 8.78 19.41
H1B NAP C . 1.64 10.88 17.88
H8A NAP C . 2.20 7.09 18.38
H61A NAP C . -2.48 5.76 18.15
H62A NAP C . -3.95 6.60 17.72
H2A NAP C . -2.76 10.91 16.98
H51N NAP C . 8.47 10.59 12.72
H52N NAP C . 6.99 9.83 13.23
H4D NAP C . 7.34 10.02 10.71
H3D NAP C . 6.22 7.73 12.01
HO3N NAP C . 6.31 8.19 9.18
H2D NAP C . 8.10 6.35 11.66
HO2N NAP C . 6.54 5.32 10.41
H1D NAP C . 8.62 7.77 8.91
H2N NAP C . 10.29 7.11 12.16
H71N NAP C . 12.81 6.55 14.66
H72N NAP C . 11.44 7.10 13.83
H4N NAP C . 13.56 5.02 10.27
H5N NAP C . 12.46 5.35 8.10
H6N NAP C . 10.30 6.54 7.97
HOP2 NAP C . 3.05 8.38 22.34
HOP3 NAP C . 2.43 10.88 23.10
C13 8KG D . 13.24 -0.19 12.02
C18 8KG D . 11.79 2.39 9.73
C17 8KG D . 11.40 -0.77 10.62
C16 8KG D . 12.12 -1.84 10.12
C15 8KG D . 13.41 -2.07 10.55
C22 8KG D . 14.26 1.70 9.25
C23 8KG D . 14.29 0.99 7.89
C24 8KG D . 12.91 1.63 7.58
C11 8KG D . 11.95 0.07 11.59
C12 8KG D . 11.95 2.47 11.24
C1 8KG D . 11.32 1.60 13.59
C2 8KG D . 11.20 1.37 12.05
C3 8KG D . 9.67 1.36 11.75
C4 8KG D . 8.96 0.24 12.53
C5 8KG D . 9.12 0.46 14.03
C6 8KG D . 10.61 0.48 14.36
C7 8KG D . 10.67 2.93 13.99
C8 8KG D . 8.48 1.80 14.40
C9 8KG D . 9.19 2.93 13.65
C10 8KG D . 9.03 2.70 12.14
C14 8KG D . 13.98 -1.24 11.50
N19 8KG D . 12.85 2.00 8.99
O20 8KG D . 10.75 2.73 9.22
O21 8KG D . 8.54 2.01 15.81
O25 8KG D . 15.24 1.55 6.99
H41 8KG D . 13.72 0.44 12.78
H45 8KG D . 10.40 -0.64 10.21
H44 8KG D . 11.68 -2.49 9.37
H43 8KG D . 13.97 -2.92 10.18
H48 8KG D . 14.49 1.09 10.11
H47 8KG D . 14.88 2.59 9.34
H49 8KG D . 14.33 -0.10 7.90
H50 8KG D . 12.93 2.47 6.89
H51 8KG D . 12.15 0.94 7.23
H39 8KG D . 13.01 2.48 11.47
H40 8KG D . 11.63 3.45 11.59
H26 8KG D . 12.37 1.64 13.91
H27 8KG D . 9.47 1.20 10.70
H28 8KG D . 7.90 0.24 12.26
H29 8KG D . 9.30 -0.77 12.26
H30 8KG D . 8.64 -0.36 14.56
H32 8KG D . 11.07 -0.48 14.17
H31 8KG D . 10.76 0.65 15.44
H33 8KG D . 10.78 3.06 15.08
H34 8KG D . 11.18 3.80 13.60
H35 8KG D . 7.43 1.79 14.11
H36 8KG D . 8.74 3.88 13.93
H38 8KG D . 9.40 3.53 11.56
H37 8KG D . 7.97 2.68 11.91
H42 8KG D . 15.00 -1.39 11.80
H46 8KG D . 7.80 1.47 16.21
H52 8KG D . 15.83 0.81 6.72
S SO4 E . 12.66 10.85 21.21
O1 SO4 E . 12.02 12.07 20.74
O2 SO4 E . 13.40 10.27 20.11
O3 SO4 E . 11.65 9.92 21.74
O4 SO4 E . 13.62 11.20 22.24
S SO4 F . 0.23 2.30 21.94
O1 SO4 F . -0.99 2.57 22.70
O2 SO4 F . -0.03 2.51 20.50
O3 SO4 F . 1.30 3.20 22.41
O4 SO4 F . 0.63 0.92 22.18
S SO4 G . 11.54 15.58 -7.53
O1 SO4 G . 11.05 16.96 -7.49
O2 SO4 G . 10.89 14.87 -8.63
O3 SO4 G . 12.99 15.58 -7.75
O4 SO4 G . 11.25 14.93 -6.26
PA NAP H . -14.19 -8.56 -12.56
O1A NAP H . -14.80 -9.09 -13.81
O2A NAP H . -14.86 -7.30 -12.00
O5B NAP H . -14.21 -9.64 -11.39
C5B NAP H . -14.34 -9.33 -9.98
C4B NAP H . -14.78 -10.58 -9.27
O4B NAP H . -14.81 -10.36 -7.84
C3B NAP H . -16.17 -11.08 -9.65
O3B NAP H . -16.25 -12.50 -9.66
C2B NAP H . -17.05 -10.50 -8.54
O2B NAP H . -18.28 -11.23 -8.37
C1B NAP H . -16.11 -10.59 -7.34
N9A NAP H . -16.38 -9.63 -6.28
C8A NAP H . -16.69 -8.29 -6.44
N7A NAP H . -16.98 -7.67 -5.32
C5A NAP H . -16.86 -8.66 -4.36
C6A NAP H . -17.08 -8.64 -2.96
N6A NAP H . -17.55 -7.58 -2.30
N1A NAP H . -16.86 -9.79 -2.29
C2A NAP H . -16.49 -10.88 -2.97
N3A NAP H . -16.26 -11.02 -4.28
C4A NAP H . -16.47 -9.85 -4.92
O3 NAP H . -12.62 -8.24 -12.65
PN NAP H . -11.41 -9.07 -13.30
O1N NAP H . -11.07 -8.44 -14.59
O2N NAP H . -11.73 -10.51 -13.25
O5D NAP H . -10.23 -8.71 -12.28
C5D NAP H . -9.57 -9.74 -11.51
C4D NAP H . -8.30 -9.21 -10.88
O4D NAP H . -7.40 -8.73 -11.91
C3D NAP H . -8.44 -8.07 -9.89
O3D NAP H . -7.65 -8.30 -8.71
C2D NAP H . -7.94 -6.87 -10.70
O2D NAP H . -7.30 -5.92 -9.85
C1D NAP H . -6.82 -7.49 -11.57
N1N NAP H . -6.58 -6.71 -12.88
C2N NAP H . -7.63 -6.60 -13.82
C3N NAP H . -7.44 -5.91 -15.00
C7N NAP H . -8.50 -5.83 -16.08
O7N NAP H . -8.29 -5.16 -17.09
N7N NAP H . -9.65 -6.50 -15.89
C4N NAP H . -6.20 -5.31 -15.23
C5N NAP H . -5.18 -5.44 -14.31
C6N NAP H . -5.39 -6.15 -13.13
P2B NAP H . -19.58 -10.60 -7.70
O1X NAP H . -19.37 -10.50 -6.26
O2X NAP H . -19.85 -9.23 -8.38
O3X NAP H . -20.69 -11.58 -8.09
HOA2 NAP H . -14.56 -6.65 -11.30
H51A NAP H . -13.34 -9.04 -9.65
H52A NAP H . -15.01 -8.49 -9.79
H4B NAP H . -14.02 -11.35 -9.39
H3B NAP H . -16.46 -10.69 -10.62
HO3A NAP H . -15.88 -12.80 -10.53
H2B NAP H . -17.27 -9.47 -8.82
H1B NAP H . -16.11 -11.59 -6.88
H8A NAP H . -16.69 -7.79 -7.41
H61A NAP H . -17.77 -6.72 -2.78
H62A NAP H . -17.69 -7.61 -1.29
H2A NAP H . -16.40 -11.80 -2.40
H51N NAP H . -9.37 -10.65 -12.08
H52N NAP H . -10.30 -10.01 -10.76
H4D NAP H . -7.77 -10.05 -10.42
H3D NAP H . -9.47 -7.89 -9.60
HO3N NAP H . -6.70 -8.19 -8.96
H2D NAP H . -8.73 -6.38 -11.27
HO2N NAP H . -8.00 -5.38 -9.39
H1D NAP H . -5.85 -7.64 -11.10
H2N NAP H . -8.58 -7.05 -13.55
H71N NAP H . -10.36 -6.48 -16.61
H72N NAP H . -9.89 -7.06 -15.08
H4N NAP H . -6.02 -4.69 -16.11
H5N NAP H . -4.21 -4.98 -14.49
H6N NAP H . -4.57 -6.27 -12.43
HOP2 NAP H . -20.19 -9.24 -9.33
HOP3 NAP H . -20.94 -11.81 -9.03
C13 8KG I . -8.12 0.41 -16.07
C18 8KG I . -6.13 -2.15 -14.17
C17 8KG I . -7.28 0.95 -13.90
C16 8KG I . -6.67 2.07 -14.42
C15 8KG I . -6.77 2.37 -15.77
C22 8KG I . -5.06 -1.30 -16.39
C23 8KG I . -3.78 -0.51 -16.02
C24 8KG I . -3.80 -1.22 -14.65
C11 8KG I . -8.02 0.09 -14.71
C12 8KG I . -7.54 -2.29 -14.72
C1 8KG I . -10.03 -1.56 -14.70
C2 8KG I . -8.59 -1.27 -14.17
C3 8KG I . -8.69 -1.32 -12.62
C4 8KG I . -9.70 -0.28 -12.10
C5 8KG I . -11.09 -0.56 -12.65
C6 8KG I . -11.02 -0.52 -14.18
C7 8KG I . -10.51 -2.95 -14.23
C8 8KG I . -11.54 -1.95 -12.18
C9 8KG I . -10.56 -3.00 -12.71
C10 8KG I . -9.16 -2.71 -12.15
C14 8KG I . -7.49 1.52 -16.59
N19 8KG I . -5.16 -1.66 -14.98
O20 8KG I . -5.90 -2.52 -13.04
O21 8KG I . -12.87 -2.22 -12.61
O25 8KG I . -2.62 -0.98 -16.71
H41 8KG I . -8.68 -0.23 -16.75
H45 8KG I . -7.15 0.78 -12.84
H44 8KG I . -6.11 2.74 -13.77
H43 8KG I . -6.32 3.27 -16.16
H48 8KG I . -5.88 -0.71 -16.82
H47 8KG I . -4.93 -2.16 -17.05
H49 8KG I . -3.85 0.57 -16.03
H50 8KG I . -3.09 -2.02 -14.51
H51 8KG I . -3.71 -0.55 -13.79
H39 8KG I . -7.49 -2.24 -15.80
H40 8KG I . -7.89 -3.29 -14.54
H26 8KG I . -10.06 -1.56 -15.79
H27 8KG I . -7.73 -1.13 -12.15
H28 8KG I . -9.72 -0.31 -11.00
H29 8KG I . -9.41 0.75 -12.30
H30 8KG I . -11.78 0.20 -12.29
H32 8KG I . -10.77 0.47 -14.53
H31 8KG I . -12.01 -0.73 -14.60
H33 8KG I . -11.51 -3.12 -14.63
H34 8KG I . -9.93 -3.77 -14.64
H35 8KG I . -11.52 -1.99 -11.10
H36 8KG I . -10.88 -3.99 -12.39
H38 8KG I . -8.45 -3.50 -12.40
H37 8KG I . -9.22 -2.73 -11.06
H42 8KG I . -7.52 1.72 -17.65
H46 8KG I . -13.47 -1.76 -11.99
H52 8KG I . -2.25 -0.19 -17.19
S SO4 J . -16.66 -11.04 -18.19
O1 SO4 J . -17.75 -11.29 -19.12
O2 SO4 J . -15.57 -10.40 -18.89
O3 SO4 J . -17.15 -10.18 -17.12
O4 SO4 J . -16.20 -12.32 -17.66
S SO4 K . 11.07 -14.53 -9.86
O1 SO4 K . 9.86 -13.70 -9.82
O2 SO4 K . 11.50 -14.67 -11.26
O3 SO4 K . 12.13 -13.88 -9.07
O4 SO4 K . 10.81 -15.87 -9.30
#